data_8BOS
#
_entry.id   8BOS
#
_cell.length_a   71.832
_cell.length_b   41.558
_cell.length_c   89.674
_cell.angle_alpha   90.00
_cell.angle_beta   109.25
_cell.angle_gamma   90.00
#
_symmetry.space_group_name_H-M   'P 1 21 1'
#
loop_
_entity.id
_entity.type
_entity.pdbx_description
1 polymer 'GTPase HRas'
2 polymer 'Ras GTPase-activating protein 1'
3 non-polymer "GUANOSINE-5'-DIPHOSPHATE"
4 non-polymer TRIFLUOROMAGNESATE
5 non-polymer 'MAGNESIUM ION'
6 non-polymer GUANIDINE
7 water water
#
loop_
_entity_poly.entity_id
_entity_poly.type
_entity_poly.pdbx_seq_one_letter_code
_entity_poly.pdbx_strand_id
1 'polypeptide(L)'
;MTEYKLVVVGAGGVGKSALTIQLIQNHFVDEYDPTIEDSYRKQVVIDGETCLLDILDTAGQEEYSAMRDQYMRTGEGFLC
VFAINNTKSFEDIHQYREQIKRVKDSDDVPMVLVGNKCDLAARTVESRQAQDLARSYGIPYIETSAKTRQGVEDAFYTLV
REIRQH
;
R
2 'polypeptide(L)'
;GSMEKIMPEEEYSEFKELILQKELHVVYALSHVCGQDRTLLASILLRIFLHEKLESLLLCTLNDREISMEDEATTLFRAT
TLASTLMEQYMKATATQFVHHALKDSILKIMESKQSCELSPSKLEKNEDVNTNLTHLLNILSELVEKIFMASEILPPTLR
YIYGCLQKSVQHKWPTNTTMRTRVVSGFVFLRLICPAILNPRMFNIISDSPSPIAARTLILVAKSVQNLANLVEFGAKEP
YMEGVNPFIKSNKHRMIMFLDELGNVPELPDTTEHSRTDLSRDLAALHEICVAHSDELRTLSNERGAQQHVLKKLLAITE
LLQQKQNQYTK
;
G
#
# COMPACT_ATOMS: atom_id res chain seq x y z
N MET A 1 -6.99 -3.37 36.62
CA MET A 1 -7.08 -2.85 35.24
C MET A 1 -5.77 -3.13 34.51
N THR A 2 -5.82 -4.20 33.71
CA THR A 2 -4.74 -4.49 32.78
C THR A 2 -5.03 -3.75 31.47
N GLU A 3 -4.07 -3.82 30.53
CA GLU A 3 -4.19 -3.12 29.27
C GLU A 3 -3.70 -4.01 28.11
N TYR A 4 -4.55 -4.14 27.10
CA TYR A 4 -4.32 -5.06 26.00
C TYR A 4 -3.75 -4.26 24.82
N LYS A 5 -2.81 -4.87 24.09
CA LYS A 5 -2.06 -4.22 23.03
C LYS A 5 -2.51 -4.78 21.68
N LEU A 6 -3.64 -4.22 21.22
CA LEU A 6 -4.31 -4.66 20.02
C LEU A 6 -3.61 -4.04 18.81
N VAL A 7 -3.57 -4.78 17.69
CA VAL A 7 -2.94 -4.31 16.48
C VAL A 7 -3.86 -4.59 15.29
N VAL A 8 -4.16 -3.53 14.51
CA VAL A 8 -5.13 -3.60 13.43
C VAL A 8 -4.33 -3.64 12.13
N VAL A 9 -4.53 -4.74 11.38
CA VAL A 9 -3.70 -5.13 10.26
C VAL A 9 -4.60 -5.50 9.10
N GLY A 10 -4.01 -5.55 7.90
CA GLY A 10 -4.74 -5.77 6.66
C GLY A 10 -4.36 -4.77 5.57
N ALA A 11 -4.97 -4.96 4.40
CA ALA A 11 -4.64 -4.26 3.16
C ALA A 11 -5.01 -2.77 3.24
N GLY A 12 -4.43 -1.96 2.35
CA GLY A 12 -4.77 -0.56 2.35
C GLY A 12 -6.24 -0.29 1.96
N GLY A 13 -6.93 0.57 2.74
CA GLY A 13 -8.25 1.06 2.36
C GLY A 13 -9.39 0.18 2.86
N VAL A 14 -9.11 -0.83 3.69
CA VAL A 14 -10.10 -1.82 4.11
C VAL A 14 -10.98 -1.24 5.22
N GLY A 15 -10.47 -0.20 5.90
CA GLY A 15 -11.24 0.53 6.90
C GLY A 15 -10.69 0.35 8.32
N LYS A 16 -9.37 0.12 8.44
CA LYS A 16 -8.72 -0.13 9.72
C LYS A 16 -8.79 1.12 10.59
N SER A 17 -8.49 2.29 9.98
CA SER A 17 -8.58 3.58 10.65
C SER A 17 -10.04 3.93 10.97
N ALA A 18 -10.96 3.71 10.02
CA ALA A 18 -12.38 4.00 10.23
C ALA A 18 -12.91 3.19 11.41
N LEU A 19 -12.48 1.93 11.55
CA LEU A 19 -12.87 1.07 12.67
C LEU A 19 -12.34 1.64 13.99
N THR A 20 -11.06 2.04 14.00
CA THR A 20 -10.45 2.55 15.21
C THR A 20 -11.14 3.85 15.63
N ILE A 21 -11.49 4.72 14.67
CA ILE A 21 -12.07 6.04 14.94
C ILE A 21 -13.54 5.86 15.32
N GLN A 22 -14.24 4.90 14.71
CA GLN A 22 -15.59 4.57 15.17
C GLN A 22 -15.51 4.15 16.64
N LEU A 23 -14.53 3.31 16.99
CA LEU A 23 -14.38 2.86 18.36
C LEU A 23 -14.00 4.04 19.24
N ILE A 24 -12.86 4.67 18.93
CA ILE A 24 -12.23 5.66 19.80
C ILE A 24 -13.05 6.96 19.89
N GLN A 25 -13.66 7.42 18.79
CA GLN A 25 -14.25 8.76 18.73
C GLN A 25 -15.75 8.73 18.42
N ASN A 26 -16.24 7.60 17.87
CA ASN A 26 -17.65 7.27 17.86
C ASN A 26 -18.39 8.05 16.77
N HIS A 27 -17.66 8.40 15.70
CA HIS A 27 -18.22 9.01 14.51
C HIS A 27 -17.47 8.46 13.30
N PHE A 28 -18.00 8.78 12.12
CA PHE A 28 -17.41 8.36 10.86
C PHE A 28 -17.17 9.59 9.99
N VAL A 29 -16.20 9.49 9.07
CA VAL A 29 -15.95 10.45 8.01
C VAL A 29 -15.26 9.72 6.84
N ASP A 30 -15.92 9.71 5.66
CA ASP A 30 -15.27 9.29 4.42
C ASP A 30 -14.30 10.39 3.99
N GLU A 31 -13.09 9.98 3.59
CA GLU A 31 -12.01 10.92 3.30
C GLU A 31 -10.83 10.16 2.69
N TYR A 32 -9.78 10.88 2.29
CA TYR A 32 -8.51 10.26 1.93
C TYR A 32 -7.47 10.60 3.00
N ASP A 33 -7.13 9.63 3.87
CA ASP A 33 -6.06 9.84 4.84
C ASP A 33 -5.34 8.52 5.15
N PRO A 34 -4.58 7.97 4.20
CA PRO A 34 -3.80 6.76 4.45
C PRO A 34 -2.83 6.88 5.62
N THR A 35 -2.75 5.78 6.36
CA THR A 35 -1.99 5.72 7.58
C THR A 35 -0.58 5.26 7.28
N ILE A 36 0.35 5.75 8.11
CA ILE A 36 1.71 5.24 8.25
C ILE A 36 1.72 4.34 9.50
N GLU A 37 1.47 4.96 10.67
CA GLU A 37 1.39 4.30 11.95
C GLU A 37 0.81 5.27 12.98
N ASP A 38 -0.43 4.97 13.41
CA ASP A 38 -1.13 5.75 14.42
C ASP A 38 -1.34 4.86 15.64
N SER A 39 -1.38 5.50 16.80
CA SER A 39 -1.59 4.81 18.05
C SER A 39 -2.68 5.53 18.84
N TYR A 40 -3.53 4.75 19.50
CA TYR A 40 -4.61 5.29 20.32
C TYR A 40 -4.73 4.49 21.60
N ARG A 41 -5.23 5.18 22.63
CA ARG A 41 -5.47 4.62 23.94
C ARG A 41 -6.88 4.97 24.36
N LYS A 42 -7.58 3.99 24.94
CA LYS A 42 -8.93 4.20 25.41
C LYS A 42 -9.20 3.24 26.56
N GLN A 43 -9.58 3.80 27.71
CA GLN A 43 -9.99 2.99 28.83
C GLN A 43 -11.47 2.62 28.66
N VAL A 44 -11.80 1.33 28.87
CA VAL A 44 -13.17 0.84 28.73
C VAL A 44 -13.43 -0.36 29.64
N VAL A 45 -14.70 -0.53 30.00
CA VAL A 45 -15.18 -1.70 30.72
C VAL A 45 -15.69 -2.71 29.69
N ILE A 46 -15.15 -3.94 29.76
CA ILE A 46 -15.70 -5.07 29.04
C ILE A 46 -15.95 -6.20 30.06
N ASP A 47 -17.21 -6.68 30.12
CA ASP A 47 -17.64 -7.80 30.95
C ASP A 47 -17.88 -7.33 32.39
N GLY A 48 -17.64 -6.04 32.66
CA GLY A 48 -17.57 -5.54 34.01
C GLY A 48 -16.14 -5.34 34.51
N GLU A 49 -15.13 -5.77 33.73
CA GLU A 49 -13.72 -5.54 34.06
C GLU A 49 -13.21 -4.32 33.26
N THR A 50 -12.88 -3.27 33.99
CA THR A 50 -12.40 -2.01 33.41
C THR A 50 -10.96 -2.21 32.97
N CYS A 51 -10.70 -2.01 31.67
CA CYS A 51 -9.36 -2.17 31.14
C CYS A 51 -9.04 -1.03 30.17
N LEU A 52 -7.79 -1.02 29.71
CA LEU A 52 -7.26 0.04 28.86
C LEU A 52 -6.75 -0.56 27.56
N LEU A 53 -7.26 -0.02 26.45
CA LEU A 53 -6.96 -0.49 25.10
C LEU A 53 -5.79 0.30 24.52
N ASP A 54 -4.83 -0.43 23.93
CA ASP A 54 -3.66 0.16 23.32
C ASP A 54 -3.59 -0.29 21.84
N ILE A 55 -4.09 0.57 20.94
CA ILE A 55 -4.46 0.18 19.59
C ILE A 55 -3.50 0.79 18.58
N LEU A 56 -2.83 -0.08 17.83
CA LEU A 56 -1.91 0.30 16.78
C LEU A 56 -2.58 0.05 15.41
N ASP A 57 -2.95 1.17 14.74
CA ASP A 57 -3.54 1.23 13.40
C ASP A 57 -2.42 1.41 12.37
N THR A 58 -2.33 0.46 11.40
CA THR A 58 -1.13 0.23 10.63
C THR A 58 -1.37 0.65 9.18
N ALA A 59 -0.28 0.68 8.42
CA ALA A 59 -0.29 0.86 6.97
C ALA A 59 -0.16 -0.50 6.33
N GLY A 60 -1.07 -0.77 5.39
CA GLY A 60 -1.11 -2.06 4.73
C GLY A 60 -0.62 -2.02 3.29
N GLN A 61 0.03 -0.93 2.87
CA GLN A 61 0.66 -0.85 1.56
C GLN A 61 1.92 -1.70 1.60
N GLU A 62 2.19 -2.43 0.49
CA GLU A 62 3.29 -3.40 0.41
C GLU A 62 4.59 -2.81 0.94
N GLU A 63 4.92 -1.58 0.55
CA GLU A 63 6.20 -1.01 0.87
C GLU A 63 6.32 -0.68 2.36
N TYR A 64 5.36 -1.09 3.19
CA TYR A 64 5.51 -0.96 4.63
C TYR A 64 5.56 -2.34 5.31
N SER A 65 5.78 -3.41 4.54
CA SER A 65 5.72 -4.76 5.11
C SER A 65 6.94 -5.09 5.97
N ALA A 66 8.02 -4.30 5.89
CA ALA A 66 9.15 -4.41 6.79
C ALA A 66 8.76 -3.99 8.22
N MET A 67 7.71 -3.17 8.36
CA MET A 67 7.31 -2.62 9.65
C MET A 67 6.68 -3.67 10.57
N ARG A 68 6.23 -4.78 9.99
CA ARG A 68 5.28 -5.65 10.66
C ARG A 68 5.98 -6.48 11.72
N ASP A 69 7.12 -7.07 11.36
CA ASP A 69 7.87 -7.90 12.29
C ASP A 69 7.86 -7.26 13.67
N GLN A 70 8.05 -5.92 13.71
CA GLN A 70 8.05 -5.17 14.94
C GLN A 70 6.68 -5.23 15.61
N TYR A 71 5.65 -4.81 14.86
CA TYR A 71 4.37 -4.55 15.49
C TYR A 71 3.74 -5.87 15.92
N MET A 72 4.30 -6.96 15.40
CA MET A 72 3.76 -8.28 15.63
C MET A 72 4.36 -8.85 16.91
N ARG A 73 5.68 -8.72 17.06
CA ARG A 73 6.37 -9.18 18.24
C ARG A 73 5.78 -8.54 19.50
N THR A 74 5.43 -7.27 19.45
CA THR A 74 5.00 -6.58 20.66
C THR A 74 3.48 -6.68 20.83
N GLY A 75 2.73 -6.98 19.76
CA GLY A 75 1.27 -6.94 19.82
C GLY A 75 0.73 -8.17 20.53
N GLU A 76 -0.42 -8.05 21.23
CA GLU A 76 -0.99 -9.21 21.92
C GLU A 76 -2.14 -9.80 21.10
N GLY A 77 -3.03 -8.94 20.62
CA GLY A 77 -4.15 -9.35 19.76
C GLY A 77 -4.03 -8.79 18.35
N PHE A 78 -4.49 -9.55 17.34
CA PHE A 78 -4.48 -9.09 15.96
C PHE A 78 -5.88 -9.07 15.37
N LEU A 79 -6.32 -7.86 14.99
CA LEU A 79 -7.56 -7.70 14.27
C LEU A 79 -7.24 -7.73 12.77
N CYS A 80 -7.63 -8.81 12.08
CA CYS A 80 -7.23 -8.98 10.70
C CYS A 80 -8.41 -8.55 9.85
N VAL A 81 -8.25 -7.39 9.18
CA VAL A 81 -9.38 -6.74 8.53
C VAL A 81 -9.25 -6.95 7.01
N PHE A 82 -10.40 -7.22 6.38
CA PHE A 82 -10.56 -7.19 4.94
C PHE A 82 -11.87 -6.47 4.63
N ALA A 83 -12.04 -6.13 3.34
CA ALA A 83 -13.24 -5.42 2.90
C ALA A 83 -14.17 -6.41 2.20
N ILE A 84 -15.44 -6.43 2.65
CA ILE A 84 -16.40 -7.41 2.15
C ILE A 84 -16.72 -7.15 0.68
N ASN A 85 -16.26 -6.00 0.15
CA ASN A 85 -16.43 -5.64 -1.26
C ASN A 85 -15.12 -5.79 -2.03
N ASN A 86 -14.10 -6.42 -1.43
CA ASN A 86 -12.82 -6.52 -2.10
C ASN A 86 -12.14 -7.85 -1.75
N THR A 87 -11.99 -8.69 -2.79
CA THR A 87 -11.61 -10.07 -2.61
C THR A 87 -10.09 -10.11 -2.45
N LYS A 88 -9.45 -9.13 -3.04
CA LYS A 88 -8.02 -8.99 -2.89
C LYS A 88 -7.76 -8.76 -1.40
N SER A 89 -8.50 -7.81 -0.80
CA SER A 89 -8.29 -7.51 0.61
C SER A 89 -8.40 -8.79 1.42
N PHE A 90 -9.18 -9.73 0.88
CA PHE A 90 -9.56 -10.95 1.55
C PHE A 90 -8.42 -11.97 1.48
N GLU A 91 -7.77 -12.06 0.32
CA GLU A 91 -6.67 -13.00 0.13
C GLU A 91 -5.40 -12.55 0.84
N ASP A 92 -5.36 -11.24 1.17
CA ASP A 92 -4.20 -10.64 1.79
C ASP A 92 -4.15 -11.05 3.26
N ILE A 93 -5.26 -11.57 3.77
CA ILE A 93 -5.35 -12.06 5.14
C ILE A 93 -4.32 -13.16 5.38
N HIS A 94 -4.03 -13.93 4.33
CA HIS A 94 -3.10 -15.06 4.42
C HIS A 94 -1.69 -14.58 4.75
N GLN A 95 -1.14 -13.60 4.02
CA GLN A 95 0.13 -13.00 4.41
C GLN A 95 0.21 -12.79 5.92
N TYR A 96 -0.83 -12.19 6.49
CA TYR A 96 -0.72 -11.69 7.84
C TYR A 96 -0.69 -12.89 8.76
N ARG A 97 -1.77 -13.71 8.74
CA ARG A 97 -1.88 -14.90 9.56
C ARG A 97 -0.54 -15.64 9.65
N GLU A 98 0.19 -15.79 8.53
CA GLU A 98 1.36 -16.65 8.44
C GLU A 98 2.63 -16.00 8.98
N GLN A 99 2.69 -14.67 9.07
CA GLN A 99 3.85 -14.02 9.67
C GLN A 99 3.67 -13.93 11.18
N ILE A 100 2.43 -13.65 11.58
CA ILE A 100 2.05 -13.62 12.98
C ILE A 100 2.43 -14.96 13.61
N LYS A 101 2.23 -16.06 12.85
CA LYS A 101 2.49 -17.40 13.35
C LYS A 101 3.96 -17.78 13.32
N ARG A 102 4.82 -17.01 12.64
CA ARG A 102 6.26 -17.23 12.78
C ARG A 102 6.80 -16.42 13.96
N VAL A 103 6.59 -15.11 13.91
CA VAL A 103 7.23 -14.21 14.86
C VAL A 103 6.87 -14.68 16.27
N LYS A 104 5.63 -15.13 16.47
CA LYS A 104 5.16 -15.58 17.76
C LYS A 104 5.37 -17.09 17.90
N ASP A 105 5.49 -17.77 16.76
CA ASP A 105 5.88 -19.17 16.70
C ASP A 105 4.82 -20.02 17.39
N SER A 106 3.56 -19.65 17.15
CA SER A 106 2.41 -20.33 17.72
C SER A 106 1.28 -20.31 16.71
N ASP A 107 0.51 -21.38 16.70
CA ASP A 107 -0.67 -21.47 15.85
C ASP A 107 -1.85 -20.87 16.61
N ASP A 108 -1.75 -20.84 17.95
CA ASP A 108 -2.67 -20.10 18.82
C ASP A 108 -2.05 -18.74 19.13
N VAL A 109 -2.80 -17.68 18.81
CA VAL A 109 -2.35 -16.29 18.84
C VAL A 109 -3.63 -15.46 18.77
N PRO A 110 -4.04 -14.71 19.83
CA PRO A 110 -5.33 -14.01 19.82
C PRO A 110 -5.54 -13.17 18.56
N MET A 111 -6.73 -13.27 17.98
CA MET A 111 -6.94 -12.83 16.61
C MET A 111 -8.44 -12.88 16.31
N VAL A 112 -8.92 -11.97 15.45
CA VAL A 112 -10.31 -11.91 15.02
C VAL A 112 -10.33 -11.49 13.56
N LEU A 113 -11.05 -12.24 12.73
CA LEU A 113 -11.16 -11.91 11.32
C LEU A 113 -12.29 -10.90 11.13
N VAL A 114 -12.02 -9.79 10.45
CA VAL A 114 -13.07 -8.79 10.36
C VAL A 114 -13.45 -8.53 8.91
N GLY A 115 -14.78 -8.60 8.67
CA GLY A 115 -15.35 -8.30 7.36
C GLY A 115 -16.01 -6.92 7.33
N ASN A 116 -15.21 -5.89 7.09
CA ASN A 116 -15.71 -4.53 7.23
C ASN A 116 -16.34 -4.07 5.92
N LYS A 117 -17.13 -2.99 6.05
CA LYS A 117 -17.87 -2.30 4.99
C LYS A 117 -19.16 -3.08 4.67
N CYS A 118 -19.73 -3.74 5.68
CA CYS A 118 -20.80 -4.69 5.42
C CYS A 118 -22.10 -3.94 5.09
N ASP A 119 -22.07 -2.60 5.23
CA ASP A 119 -23.19 -1.73 4.93
C ASP A 119 -23.40 -1.61 3.42
N LEU A 120 -22.51 -2.18 2.61
CA LEU A 120 -22.52 -1.93 1.18
C LEU A 120 -23.08 -3.11 0.39
N ALA A 121 -23.80 -2.77 -0.68
CA ALA A 121 -24.55 -3.72 -1.47
C ALA A 121 -23.64 -4.62 -2.32
N ALA A 122 -22.37 -4.27 -2.53
CA ALA A 122 -21.58 -5.01 -3.48
C ALA A 122 -20.64 -6.00 -2.78
N ARG A 123 -21.19 -7.02 -2.12
CA ARG A 123 -20.37 -8.08 -1.53
C ARG A 123 -19.72 -8.88 -2.65
N THR A 124 -18.40 -9.00 -2.59
CA THR A 124 -17.68 -9.96 -3.40
C THR A 124 -17.26 -11.12 -2.49
N VAL A 125 -17.47 -10.96 -1.17
CA VAL A 125 -17.05 -11.95 -0.20
C VAL A 125 -18.27 -12.34 0.65
N GLU A 126 -18.55 -13.65 0.67
CA GLU A 126 -19.71 -14.19 1.36
C GLU A 126 -19.30 -14.59 2.77
N SER A 127 -20.13 -14.17 3.74
CA SER A 127 -19.95 -14.60 5.12
C SER A 127 -19.48 -16.05 5.15
N ARG A 128 -20.18 -16.92 4.41
CA ARG A 128 -19.90 -18.34 4.43
C ARG A 128 -18.39 -18.61 4.35
N GLN A 129 -17.74 -18.01 3.34
CA GLN A 129 -16.36 -18.36 3.02
C GLN A 129 -15.40 -17.65 3.98
N ALA A 130 -15.90 -16.58 4.62
CA ALA A 130 -15.16 -15.91 5.69
C ALA A 130 -15.33 -16.71 6.99
N GLN A 131 -16.60 -17.01 7.32
CA GLN A 131 -16.97 -17.95 8.37
C GLN A 131 -15.96 -19.09 8.42
N ASP A 132 -15.72 -19.69 7.24
CA ASP A 132 -14.94 -20.91 7.07
C ASP A 132 -13.46 -20.66 7.30
N LEU A 133 -12.92 -19.61 6.67
CA LEU A 133 -11.52 -19.28 6.84
C LEU A 133 -11.24 -19.15 8.34
N ALA A 134 -12.13 -18.43 9.03
CA ALA A 134 -12.00 -18.16 10.47
C ALA A 134 -12.05 -19.46 11.27
N ARG A 135 -13.05 -20.29 10.94
CA ARG A 135 -13.27 -21.58 11.57
C ARG A 135 -12.04 -22.46 11.36
N SER A 136 -11.41 -22.34 10.18
CA SER A 136 -10.23 -23.11 9.87
C SER A 136 -8.98 -22.51 10.55
N TYR A 137 -9.02 -21.21 10.91
CA TYR A 137 -7.94 -20.64 11.70
C TYR A 137 -8.19 -20.89 13.19
N GLY A 138 -9.39 -21.37 13.56
CA GLY A 138 -9.76 -21.53 14.96
C GLY A 138 -9.88 -20.19 15.67
N ILE A 139 -10.52 -19.21 14.99
CA ILE A 139 -10.68 -17.84 15.47
C ILE A 139 -12.09 -17.37 15.11
N PRO A 140 -12.66 -16.41 15.88
CA PRO A 140 -13.95 -15.78 15.53
C PRO A 140 -13.91 -14.83 14.33
N TYR A 141 -15.01 -14.80 13.55
CA TYR A 141 -15.19 -13.91 12.43
C TYR A 141 -16.32 -12.92 12.71
N ILE A 142 -16.07 -11.61 12.56
CA ILE A 142 -17.07 -10.61 12.91
C ILE A 142 -17.17 -9.60 11.78
N GLU A 143 -18.39 -9.40 11.27
CA GLU A 143 -18.65 -8.41 10.24
C GLU A 143 -18.89 -7.06 10.90
N THR A 144 -18.47 -6.01 10.20
CA THR A 144 -18.53 -4.66 10.73
C THR A 144 -18.84 -3.66 9.62
N SER A 145 -19.33 -2.51 10.08
CA SER A 145 -19.24 -1.24 9.40
C SER A 145 -18.67 -0.22 10.36
N ALA A 146 -17.60 0.48 9.96
CA ALA A 146 -17.19 1.68 10.66
C ALA A 146 -18.17 2.81 10.34
N LYS A 147 -18.82 2.74 9.16
CA LYS A 147 -19.82 3.71 8.73
C LYS A 147 -20.99 3.77 9.70
N THR A 148 -21.78 2.69 9.74
CA THR A 148 -22.72 2.43 10.82
C THR A 148 -21.89 1.95 12.01
N ARG A 149 -22.35 2.14 13.24
CA ARG A 149 -21.50 1.73 14.36
C ARG A 149 -21.53 0.21 14.54
N GLN A 150 -21.84 -0.55 13.49
CA GLN A 150 -22.25 -1.94 13.65
C GLN A 150 -21.06 -2.88 13.77
N GLY A 151 -21.13 -3.82 14.73
CA GLY A 151 -20.14 -4.87 14.87
C GLY A 151 -18.78 -4.39 15.41
N VAL A 152 -18.70 -3.11 15.84
CA VAL A 152 -17.42 -2.47 16.10
C VAL A 152 -16.99 -2.71 17.55
N GLU A 153 -17.83 -2.33 18.52
CA GLU A 153 -17.56 -2.70 19.90
C GLU A 153 -17.33 -4.21 19.97
N ASP A 154 -18.26 -4.94 19.36
CA ASP A 154 -18.18 -6.38 19.16
C ASP A 154 -16.77 -6.80 18.76
N ALA A 155 -16.22 -6.17 17.70
CA ALA A 155 -15.02 -6.67 17.04
C ALA A 155 -13.79 -6.46 17.94
N PHE A 156 -13.65 -5.25 18.48
CA PHE A 156 -12.59 -4.95 19.43
C PHE A 156 -12.79 -5.79 20.70
N TYR A 157 -14.04 -5.80 21.23
CA TYR A 157 -14.33 -6.44 22.51
C TYR A 157 -14.10 -7.95 22.46
N THR A 158 -14.39 -8.58 21.32
CA THR A 158 -14.12 -10.01 21.13
C THR A 158 -12.61 -10.28 21.19
N LEU A 159 -11.82 -9.42 20.55
CA LEU A 159 -10.39 -9.67 20.48
C LEU A 159 -9.79 -9.58 21.88
N VAL A 160 -10.43 -8.81 22.76
CA VAL A 160 -9.97 -8.66 24.13
C VAL A 160 -10.21 -9.99 24.85
N ARG A 161 -11.44 -10.50 24.76
CA ARG A 161 -11.78 -11.83 25.22
C ARG A 161 -10.73 -12.85 24.76
N GLU A 162 -10.41 -12.84 23.45
CA GLU A 162 -9.48 -13.80 22.86
C GLU A 162 -8.16 -13.85 23.65
N ILE A 163 -7.77 -12.71 24.24
CA ILE A 163 -6.48 -12.56 24.91
C ILE A 163 -6.61 -13.02 26.35
N ARG A 164 -7.72 -12.62 27.00
CA ARG A 164 -8.04 -13.01 28.37
C ARG A 164 -8.18 -14.53 28.46
N GLN A 165 -9.11 -15.09 27.68
CA GLN A 165 -9.39 -16.53 27.70
C GLN A 165 -8.29 -17.30 26.97
N HIS A 166 -7.20 -16.63 26.55
CA HIS A 166 -6.11 -17.32 25.89
C HIS A 166 -5.25 -18.03 26.96
N LYS B 5 18.49 -24.10 -22.82
CA LYS B 5 17.10 -24.64 -22.80
C LYS B 5 16.24 -23.79 -23.75
N ILE B 6 15.99 -22.51 -23.42
CA ILE B 6 14.94 -21.69 -24.07
C ILE B 6 15.19 -21.57 -25.57
N MET B 7 14.13 -21.21 -26.30
CA MET B 7 14.21 -21.12 -27.75
C MET B 7 14.84 -19.78 -28.16
N PRO B 8 15.47 -19.70 -29.36
CA PRO B 8 15.89 -18.41 -29.93
C PRO B 8 14.80 -17.35 -29.98
N GLU B 9 15.25 -16.09 -29.87
CA GLU B 9 14.40 -14.93 -29.61
C GLU B 9 13.34 -14.77 -30.69
N GLU B 10 13.68 -15.19 -31.91
CA GLU B 10 12.80 -15.17 -33.06
C GLU B 10 11.53 -15.98 -32.80
N GLU B 11 11.63 -16.99 -31.93
CA GLU B 11 10.51 -17.90 -31.72
C GLU B 11 9.35 -17.20 -31.03
N TYR B 12 9.60 -16.05 -30.41
CA TYR B 12 8.61 -15.39 -29.57
C TYR B 12 8.05 -14.12 -30.22
N SER B 13 8.35 -13.90 -31.50
CA SER B 13 8.07 -12.60 -32.10
C SER B 13 6.58 -12.31 -32.09
N GLU B 14 5.76 -13.30 -32.50
CA GLU B 14 4.33 -13.12 -32.57
C GLU B 14 3.79 -12.88 -31.16
N PHE B 15 4.41 -13.55 -30.18
CA PHE B 15 4.03 -13.46 -28.78
C PHE B 15 4.20 -12.03 -28.29
N LYS B 16 5.46 -11.55 -28.37
CA LYS B 16 5.88 -10.19 -28.04
C LYS B 16 4.90 -9.19 -28.65
N GLU B 17 4.56 -9.37 -29.92
CA GLU B 17 3.72 -8.41 -30.63
C GLU B 17 2.38 -8.27 -29.91
N LEU B 18 1.85 -9.39 -29.42
CA LEU B 18 0.52 -9.40 -28.80
C LEU B 18 0.54 -8.72 -27.43
N ILE B 19 1.62 -8.98 -26.69
CA ILE B 19 1.82 -8.46 -25.37
C ILE B 19 1.83 -6.94 -25.44
N LEU B 20 2.48 -6.43 -26.49
CA LEU B 20 2.77 -5.02 -26.66
C LEU B 20 1.59 -4.24 -27.27
N GLN B 21 0.51 -4.95 -27.63
CA GLN B 21 -0.74 -4.36 -28.06
C GLN B 21 -1.15 -3.24 -27.11
N LYS B 22 -1.42 -2.06 -27.67
CA LYS B 22 -1.78 -0.85 -26.91
C LYS B 22 -2.88 -1.15 -25.91
N GLU B 23 -3.90 -1.90 -26.34
CA GLU B 23 -5.04 -2.14 -25.49
C GLU B 23 -4.58 -2.93 -24.26
N LEU B 24 -3.46 -3.65 -24.40
CA LEU B 24 -2.81 -4.36 -23.30
C LEU B 24 -3.73 -5.45 -22.79
N HIS B 25 -4.37 -6.15 -23.73
CA HIS B 25 -5.43 -7.05 -23.31
C HIS B 25 -4.82 -8.21 -22.52
N VAL B 26 -3.70 -8.73 -23.04
CA VAL B 26 -2.94 -9.79 -22.41
C VAL B 26 -2.58 -9.37 -21.00
N VAL B 27 -2.02 -8.14 -20.87
CA VAL B 27 -1.48 -7.70 -19.58
C VAL B 27 -2.64 -7.56 -18.59
N TYR B 28 -3.76 -6.95 -19.03
CA TYR B 28 -4.95 -6.87 -18.20
C TYR B 28 -5.32 -8.22 -17.59
N ALA B 29 -5.33 -9.25 -18.44
CA ALA B 29 -5.82 -10.57 -18.02
C ALA B 29 -4.85 -11.14 -17.01
N LEU B 30 -3.57 -10.99 -17.35
CA LEU B 30 -2.50 -11.49 -16.51
C LEU B 30 -2.57 -10.79 -15.16
N SER B 31 -3.01 -9.54 -15.15
CA SER B 31 -3.19 -8.82 -13.91
C SER B 31 -4.23 -9.51 -13.04
N HIS B 32 -5.16 -10.25 -13.67
CA HIS B 32 -6.22 -10.96 -12.95
C HIS B 32 -5.70 -12.29 -12.41
N VAL B 33 -4.91 -13.04 -13.19
CA VAL B 33 -4.58 -14.40 -12.81
C VAL B 33 -3.32 -14.49 -11.95
N CYS B 34 -2.35 -13.60 -12.14
CA CYS B 34 -1.04 -13.76 -11.52
C CYS B 34 -1.21 -14.28 -10.09
N GLY B 35 -1.87 -13.48 -9.23
CA GLY B 35 -2.01 -13.79 -7.80
C GLY B 35 -0.72 -13.63 -7.00
N GLN B 36 -0.01 -14.76 -6.83
CA GLN B 36 1.25 -14.80 -6.07
C GLN B 36 2.44 -14.75 -7.02
N ASP B 37 2.19 -14.77 -8.34
CA ASP B 37 3.21 -14.52 -9.34
C ASP B 37 3.39 -13.02 -9.60
N ARG B 38 2.66 -12.19 -8.84
CA ARG B 38 2.42 -10.78 -9.14
C ARG B 38 3.74 -10.01 -9.29
N THR B 39 4.66 -10.16 -8.32
CA THR B 39 5.97 -9.53 -8.41
C THR B 39 6.70 -10.04 -9.63
N LEU B 40 6.80 -11.37 -9.74
CA LEU B 40 7.57 -11.97 -10.81
C LEU B 40 7.06 -11.42 -12.14
N LEU B 41 5.74 -11.45 -12.31
CA LEU B 41 5.16 -10.96 -13.54
C LEU B 41 5.59 -9.52 -13.78
N ALA B 42 5.18 -8.62 -12.86
CA ALA B 42 5.58 -7.23 -12.89
C ALA B 42 7.02 -7.11 -13.36
N SER B 43 7.90 -7.91 -12.75
CA SER B 43 9.32 -7.81 -13.00
C SER B 43 9.65 -8.05 -14.47
N ILE B 44 8.95 -9.01 -15.06
CA ILE B 44 9.24 -9.46 -16.42
C ILE B 44 8.73 -8.42 -17.42
N LEU B 45 7.45 -8.02 -17.26
CA LEU B 45 6.79 -7.02 -18.08
C LEU B 45 7.60 -5.75 -18.18
N LEU B 46 7.99 -5.24 -17.03
CA LEU B 46 8.77 -4.03 -17.00
C LEU B 46 10.05 -4.20 -17.83
N ARG B 47 10.78 -5.31 -17.63
CA ARG B 47 12.02 -5.50 -18.37
C ARG B 47 11.73 -5.47 -19.87
N ILE B 48 10.62 -6.13 -20.27
CA ILE B 48 10.23 -6.23 -21.67
C ILE B 48 9.90 -4.86 -22.23
N PHE B 49 8.98 -4.18 -21.53
CA PHE B 49 8.47 -2.86 -21.87
C PHE B 49 9.58 -1.82 -21.90
N LEU B 50 10.40 -1.75 -20.84
CA LEU B 50 11.60 -0.93 -20.84
C LEU B 50 12.49 -1.24 -22.05
N HIS B 51 12.64 -2.51 -22.38
CA HIS B 51 13.48 -2.87 -23.50
C HIS B 51 12.93 -2.28 -24.79
N GLU B 52 11.60 -2.16 -24.87
CA GLU B 52 10.92 -1.58 -26.03
C GLU B 52 10.74 -0.07 -25.93
N LYS B 53 11.26 0.55 -24.87
CA LYS B 53 10.97 1.94 -24.56
C LYS B 53 9.45 2.19 -24.49
N LEU B 54 8.68 1.22 -23.96
CA LEU B 54 7.23 1.39 -23.87
C LEU B 54 6.70 1.31 -22.45
N GLU B 55 7.57 1.47 -21.44
CA GLU B 55 7.15 1.56 -20.05
C GLU B 55 5.98 2.51 -19.88
N SER B 56 6.04 3.70 -20.50
CA SER B 56 5.01 4.70 -20.36
C SER B 56 3.67 4.09 -20.74
N LEU B 57 3.66 3.47 -21.92
CA LEU B 57 2.47 2.81 -22.41
C LEU B 57 1.96 1.82 -21.36
N LEU B 58 2.87 0.98 -20.82
CA LEU B 58 2.47 -0.05 -19.87
C LEU B 58 1.79 0.57 -18.65
N LEU B 59 2.48 1.54 -18.05
CA LEU B 59 2.13 2.00 -16.72
C LEU B 59 0.97 2.98 -16.84
N CYS B 60 0.97 3.83 -17.88
CA CYS B 60 -0.12 4.80 -18.03
C CYS B 60 -1.46 4.07 -18.22
N THR B 61 -1.42 3.10 -19.11
CA THR B 61 -2.60 2.36 -19.53
C THR B 61 -3.12 1.49 -18.39
N LEU B 62 -2.21 0.74 -17.77
CA LEU B 62 -2.56 -0.15 -16.68
C LEU B 62 -3.04 0.63 -15.46
N ASN B 63 -2.41 1.77 -15.18
CA ASN B 63 -2.90 2.66 -14.15
C ASN B 63 -4.23 3.25 -14.56
N ASP B 64 -4.42 3.42 -15.87
CA ASP B 64 -5.63 4.03 -16.38
C ASP B 64 -6.81 3.08 -16.20
N ARG B 65 -6.61 1.80 -16.48
CA ARG B 65 -7.71 0.87 -16.37
C ARG B 65 -8.09 0.73 -14.89
N GLU B 66 -7.11 0.83 -13.97
CA GLU B 66 -7.39 0.70 -12.54
C GLU B 66 -8.18 1.91 -12.00
N ILE B 67 -7.97 3.07 -12.60
CA ILE B 67 -8.76 4.23 -12.29
C ILE B 67 -10.18 4.03 -12.83
N SER B 68 -10.30 3.45 -14.04
CA SER B 68 -11.58 3.20 -14.70
C SER B 68 -12.46 2.31 -13.84
N MET B 69 -11.86 1.25 -13.30
CA MET B 69 -12.57 0.23 -12.53
C MET B 69 -13.00 0.80 -11.17
N GLU B 70 -12.40 1.89 -10.70
CA GLU B 70 -12.45 2.17 -9.28
C GLU B 70 -13.87 2.39 -8.79
N ASP B 71 -14.51 3.43 -9.34
CA ASP B 71 -15.84 3.87 -8.92
C ASP B 71 -15.74 4.68 -7.62
N GLU B 72 -15.25 4.05 -6.54
CA GLU B 72 -14.97 4.73 -5.28
C GLU B 72 -13.55 5.32 -5.35
N ALA B 73 -13.39 6.55 -4.85
CA ALA B 73 -12.24 7.39 -5.16
C ALA B 73 -11.26 7.49 -3.99
N THR B 74 -11.74 7.38 -2.75
CA THR B 74 -10.89 7.41 -1.57
C THR B 74 -10.29 6.02 -1.28
N THR B 75 -10.45 5.07 -2.22
CA THR B 75 -9.81 3.76 -2.13
C THR B 75 -8.78 3.52 -3.24
N LEU B 76 -8.64 4.47 -4.18
CA LEU B 76 -7.83 4.30 -5.39
C LEU B 76 -6.36 4.02 -5.08
N PHE B 77 -5.82 2.91 -5.62
CA PHE B 77 -4.41 2.53 -5.45
C PHE B 77 -4.05 2.39 -3.98
N ARG B 78 -5.07 2.18 -3.15
CA ARG B 78 -4.81 2.05 -1.72
C ARG B 78 -4.41 0.61 -1.37
N ALA B 79 -4.87 -0.35 -2.19
CA ALA B 79 -4.56 -1.77 -2.06
C ALA B 79 -3.39 -2.16 -2.95
N THR B 80 -3.06 -3.45 -2.94
CA THR B 80 -2.09 -4.02 -3.87
C THR B 80 -2.74 -4.45 -5.16
N THR B 81 -2.16 -4.05 -6.29
CA THR B 81 -2.52 -4.59 -7.59
C THR B 81 -1.24 -4.87 -8.38
N LEU B 82 -1.38 -5.34 -9.62
CA LEU B 82 -0.22 -5.44 -10.48
C LEU B 82 0.29 -4.04 -10.76
N ALA B 83 -0.64 -3.10 -10.96
CA ALA B 83 -0.34 -1.70 -11.26
C ALA B 83 0.52 -1.08 -10.17
N SER B 84 0.08 -1.20 -8.90
CA SER B 84 0.84 -0.74 -7.74
C SER B 84 2.25 -1.33 -7.73
N THR B 85 2.36 -2.60 -8.15
CA THR B 85 3.63 -3.30 -8.09
C THR B 85 4.60 -2.78 -9.13
N LEU B 86 4.12 -2.68 -10.38
CA LEU B 86 4.85 -2.08 -11.47
C LEU B 86 5.43 -0.72 -11.07
N MET B 87 4.57 0.15 -10.51
CA MET B 87 4.94 1.48 -10.08
C MET B 87 6.05 1.40 -9.03
N GLU B 88 5.88 0.53 -8.03
CA GLU B 88 6.89 0.33 -6.98
C GLU B 88 8.23 -0.06 -7.61
N GLN B 89 8.21 -1.04 -8.53
CA GLN B 89 9.41 -1.49 -9.21
C GLN B 89 9.99 -0.38 -10.12
N TYR B 90 9.16 0.25 -10.96
CA TYR B 90 9.63 1.32 -11.85
C TYR B 90 10.27 2.47 -11.06
N MET B 91 9.68 2.79 -9.92
CA MET B 91 10.16 3.85 -9.04
C MET B 91 11.48 3.51 -8.35
N LYS B 92 11.72 2.23 -8.00
CA LYS B 92 13.00 1.83 -7.44
C LYS B 92 14.06 1.96 -8.52
N ALA B 93 13.70 1.45 -9.71
CA ALA B 93 14.60 1.40 -10.83
C ALA B 93 15.01 2.81 -11.25
N THR B 94 14.11 3.79 -11.23
CA THR B 94 14.44 5.07 -11.84
C THR B 94 14.51 6.24 -10.87
N ALA B 95 14.15 6.08 -9.59
CA ALA B 95 13.94 7.27 -8.75
C ALA B 95 14.75 7.20 -7.46
N THR B 96 15.75 6.31 -7.40
CA THR B 96 16.59 6.18 -6.22
C THR B 96 17.44 7.42 -5.98
N GLN B 97 17.95 8.02 -7.06
CA GLN B 97 18.86 9.16 -6.92
C GLN B 97 18.07 10.35 -6.41
N PHE B 98 16.84 10.46 -6.91
CA PHE B 98 15.91 11.43 -6.39
C PHE B 98 15.69 11.25 -4.90
N VAL B 99 15.52 10.00 -4.44
CA VAL B 99 15.28 9.76 -3.03
C VAL B 99 16.54 10.14 -2.25
N HIS B 100 17.72 9.80 -2.74
CA HIS B 100 18.96 10.20 -2.07
C HIS B 100 19.12 11.71 -2.01
N HIS B 101 18.97 12.41 -3.14
CA HIS B 101 19.11 13.86 -3.19
C HIS B 101 18.19 14.50 -2.15
N ALA B 102 16.92 14.07 -2.10
CA ALA B 102 15.88 14.78 -1.36
C ALA B 102 15.92 14.49 0.15
N LEU B 103 16.39 13.29 0.51
CA LEU B 103 16.12 12.69 1.82
C LEU B 103 17.39 12.41 2.61
N LYS B 104 18.53 12.20 1.95
CA LYS B 104 19.70 11.62 2.61
C LYS B 104 20.17 12.53 3.73
N ASP B 105 20.35 13.82 3.42
CA ASP B 105 20.81 14.80 4.38
C ASP B 105 20.07 14.65 5.71
N SER B 106 18.73 14.64 5.64
CA SER B 106 17.89 14.74 6.82
C SER B 106 17.79 13.40 7.53
N ILE B 107 17.83 12.31 6.75
CA ILE B 107 17.85 10.98 7.31
C ILE B 107 19.11 10.78 8.15
N LEU B 108 20.27 11.23 7.63
CA LEU B 108 21.54 11.14 8.32
C LEU B 108 21.51 11.94 9.61
N LYS B 109 21.03 13.18 9.50
CA LYS B 109 20.75 14.03 10.65
C LYS B 109 20.00 13.26 11.73
N ILE B 110 18.86 12.66 11.37
CA ILE B 110 17.98 11.97 12.29
C ILE B 110 18.62 10.74 12.95
N MET B 111 19.44 10.01 12.18
CA MET B 111 20.14 8.84 12.71
C MET B 111 21.01 9.28 13.88
N GLU B 112 21.86 10.29 13.61
CA GLU B 112 22.97 10.69 14.48
C GLU B 112 22.52 11.70 15.53
N SER B 113 21.25 12.13 15.47
CA SER B 113 20.67 12.91 16.56
C SER B 113 20.59 11.98 17.75
N LYS B 114 20.34 12.54 18.92
CA LYS B 114 20.09 11.74 20.11
C LYS B 114 19.05 12.42 20.99
N GLN B 115 18.25 13.33 20.42
CA GLN B 115 17.17 14.00 21.14
C GLN B 115 15.82 13.49 20.63
N SER B 116 14.86 13.39 21.54
CA SER B 116 13.58 12.76 21.24
C SER B 116 12.60 13.79 20.67
N CYS B 117 11.74 13.31 19.76
CA CYS B 117 10.70 14.12 19.14
C CYS B 117 9.30 13.67 19.65
N GLU B 118 9.28 12.81 20.67
CA GLU B 118 8.07 12.19 21.18
C GLU B 118 7.10 13.27 21.66
N LEU B 119 5.87 13.21 21.15
CA LEU B 119 4.81 14.14 21.50
C LEU B 119 3.76 13.49 22.40
N SER B 120 3.49 12.18 22.17
CA SER B 120 2.40 11.51 22.86
C SER B 120 2.66 11.49 24.37
N PRO B 121 1.90 12.27 25.16
CA PRO B 121 2.10 12.35 26.61
C PRO B 121 2.30 10.99 27.29
N SER B 122 1.79 9.91 26.69
CA SER B 122 1.88 8.59 27.29
C SER B 122 3.28 7.98 27.16
N LYS B 123 4.02 8.40 26.13
CA LYS B 123 5.33 7.84 25.82
C LYS B 123 6.42 8.69 26.44
N LEU B 124 6.11 9.94 26.79
CA LEU B 124 7.10 10.82 27.41
C LEU B 124 7.70 10.15 28.65
N GLU B 125 9.01 10.39 28.85
CA GLU B 125 9.73 9.85 30.01
C GLU B 125 9.54 10.78 31.20
N LYS B 126 10.05 10.35 32.37
CA LYS B 126 10.37 11.28 33.44
C LYS B 126 11.21 12.43 32.88
N ASN B 127 10.78 13.67 33.20
CA ASN B 127 11.59 14.88 33.10
C ASN B 127 11.74 15.32 31.64
N GLU B 128 11.19 14.56 30.69
CA GLU B 128 11.35 14.84 29.28
C GLU B 128 10.43 15.99 28.88
N ASP B 129 10.98 16.95 28.11
CA ASP B 129 10.35 18.24 27.88
C ASP B 129 9.78 18.29 26.46
N VAL B 130 8.46 18.09 26.38
CA VAL B 130 7.73 17.98 25.14
C VAL B 130 7.91 19.23 24.28
N ASN B 131 8.17 20.39 24.92
CA ASN B 131 8.38 21.65 24.21
C ASN B 131 9.61 21.57 23.33
N THR B 132 10.65 20.88 23.81
CA THR B 132 11.91 20.76 23.09
C THR B 132 11.75 19.75 21.96
N ASN B 133 11.16 18.60 22.29
CA ASN B 133 10.88 17.54 21.33
C ASN B 133 10.22 18.11 20.07
N LEU B 134 9.19 18.94 20.26
CA LEU B 134 8.43 19.54 19.19
C LEU B 134 9.31 20.46 18.37
N THR B 135 10.14 21.23 19.08
CA THR B 135 11.04 22.15 18.40
C THR B 135 12.02 21.36 17.54
N HIS B 136 12.53 20.24 18.07
CA HIS B 136 13.47 19.43 17.30
C HIS B 136 12.78 18.86 16.06
N LEU B 137 11.57 18.32 16.26
CA LEU B 137 10.79 17.76 15.18
C LEU B 137 10.54 18.80 14.09
N LEU B 138 9.93 19.93 14.46
CA LEU B 138 9.58 21.00 13.52
C LEU B 138 10.80 21.46 12.71
N ASN B 139 11.98 21.44 13.32
CA ASN B 139 13.17 21.90 12.62
C ASN B 139 13.61 20.86 11.59
N ILE B 140 13.66 19.59 12.02
CA ILE B 140 14.04 18.49 11.14
C ILE B 140 13.16 18.60 9.90
N LEU B 141 11.86 18.85 10.12
CA LEU B 141 10.84 18.77 9.09
C LEU B 141 11.06 19.91 8.12
N SER B 142 11.14 21.11 8.71
CA SER B 142 11.40 22.34 7.99
C SER B 142 12.52 22.14 6.96
N GLU B 143 13.63 21.55 7.41
CA GLU B 143 14.78 21.34 6.53
C GLU B 143 14.43 20.34 5.43
N LEU B 144 13.77 19.25 5.85
CA LEU B 144 13.53 18.09 5.00
C LEU B 144 12.63 18.49 3.85
N VAL B 145 11.55 19.19 4.20
CA VAL B 145 10.54 19.61 3.27
C VAL B 145 11.12 20.62 2.28
N GLU B 146 12.10 21.42 2.73
CA GLU B 146 12.79 22.32 1.84
C GLU B 146 13.49 21.52 0.74
N LYS B 147 14.25 20.52 1.16
CA LYS B 147 15.02 19.69 0.25
C LYS B 147 14.10 18.90 -0.69
N ILE B 148 12.96 18.43 -0.20
CA ILE B 148 11.98 17.72 -1.02
C ILE B 148 11.46 18.66 -2.09
N PHE B 149 10.90 19.80 -1.70
CA PHE B 149 10.30 20.70 -2.67
C PHE B 149 11.32 21.17 -3.71
N MET B 150 12.61 21.18 -3.33
CA MET B 150 13.63 21.69 -4.22
C MET B 150 14.22 20.56 -5.07
N ALA B 151 13.75 19.32 -4.89
CA ALA B 151 14.01 18.27 -5.88
C ALA B 151 12.82 18.07 -6.84
N SER B 152 11.96 19.08 -7.01
CA SER B 152 10.79 18.94 -7.86
C SER B 152 11.18 18.56 -9.28
N GLU B 153 12.42 18.90 -9.69
CA GLU B 153 12.85 18.86 -11.08
C GLU B 153 13.93 17.80 -11.32
N ILE B 154 14.38 17.15 -10.24
CA ILE B 154 15.38 16.09 -10.30
C ILE B 154 14.70 14.77 -10.67
N LEU B 155 13.38 14.69 -10.48
CA LEU B 155 12.64 13.47 -10.76
C LEU B 155 12.64 13.25 -12.27
N PRO B 156 13.03 12.06 -12.77
CA PRO B 156 13.21 11.87 -14.19
C PRO B 156 11.96 12.17 -15.00
N PRO B 157 12.15 12.72 -16.22
CA PRO B 157 11.03 13.08 -17.09
C PRO B 157 9.95 12.02 -17.28
N THR B 158 10.34 10.75 -17.46
CA THR B 158 9.38 9.72 -17.83
C THR B 158 8.41 9.41 -16.69
N LEU B 159 8.93 9.42 -15.46
CA LEU B 159 8.12 9.15 -14.30
C LEU B 159 7.09 10.27 -14.15
N ARG B 160 7.55 11.49 -14.36
CA ARG B 160 6.72 12.67 -14.27
C ARG B 160 5.62 12.60 -15.32
N TYR B 161 5.96 12.09 -16.53
CA TYR B 161 4.99 11.94 -17.60
C TYR B 161 3.91 10.95 -17.17
N ILE B 162 4.35 9.88 -16.49
CA ILE B 162 3.47 8.84 -15.96
C ILE B 162 2.55 9.43 -14.89
N TYR B 163 3.10 10.24 -13.97
CA TYR B 163 2.29 11.02 -13.05
C TYR B 163 1.32 11.92 -13.81
N GLY B 164 1.78 12.56 -14.88
CA GLY B 164 0.90 13.29 -15.79
C GLY B 164 -0.26 12.43 -16.27
N CYS B 165 0.04 11.21 -16.75
CA CYS B 165 -0.99 10.30 -17.23
C CYS B 165 -2.05 10.07 -16.14
N LEU B 166 -1.58 10.03 -14.88
CA LEU B 166 -2.44 9.78 -13.72
C LEU B 166 -3.41 10.94 -13.57
N GLN B 167 -2.88 12.16 -13.67
CA GLN B 167 -3.68 13.37 -13.53
C GLN B 167 -4.78 13.44 -14.59
N LYS B 168 -4.51 12.93 -15.80
CA LYS B 168 -5.42 13.03 -16.94
C LYS B 168 -6.51 11.94 -16.81
N SER B 169 -6.12 10.82 -16.20
CA SER B 169 -7.03 9.71 -15.94
C SER B 169 -8.11 10.07 -14.93
N VAL B 170 -7.74 10.67 -13.81
CA VAL B 170 -8.72 11.03 -12.80
C VAL B 170 -9.50 12.27 -13.24
N GLN B 171 -8.90 13.06 -14.11
CA GLN B 171 -9.58 14.15 -14.79
C GLN B 171 -10.82 13.59 -15.48
N HIS B 172 -10.58 12.72 -16.46
CA HIS B 172 -11.64 12.17 -17.28
C HIS B 172 -12.70 11.53 -16.39
N LYS B 173 -12.23 10.77 -15.39
CA LYS B 173 -13.11 9.98 -14.54
C LYS B 173 -13.89 10.90 -13.60
N TRP B 174 -13.20 11.74 -12.83
CA TRP B 174 -13.86 12.58 -11.83
C TRP B 174 -13.67 14.04 -12.18
N PRO B 175 -14.16 14.55 -13.33
CA PRO B 175 -13.85 15.92 -13.79
C PRO B 175 -14.22 17.00 -12.79
N THR B 176 -15.25 16.70 -11.99
CA THR B 176 -15.86 17.67 -11.12
C THR B 176 -15.18 17.60 -9.75
N ASN B 177 -14.53 16.47 -9.44
CA ASN B 177 -13.82 16.29 -8.18
C ASN B 177 -12.41 16.86 -8.30
N THR B 178 -12.12 17.89 -7.50
CA THR B 178 -11.01 18.77 -7.75
C THR B 178 -9.86 18.52 -6.75
N THR B 179 -9.87 17.33 -6.16
CA THR B 179 -8.93 16.94 -5.13
C THR B 179 -7.96 15.89 -5.66
N MET B 180 -8.43 15.13 -6.64
CA MET B 180 -7.79 13.91 -7.07
C MET B 180 -6.60 14.19 -7.99
N ARG B 181 -6.51 15.42 -8.49
CA ARG B 181 -5.42 15.78 -9.38
C ARG B 181 -4.09 15.66 -8.64
N THR B 182 -4.11 15.96 -7.34
CA THR B 182 -2.90 15.96 -6.54
C THR B 182 -2.81 14.71 -5.67
N ARG B 183 -3.96 14.18 -5.22
CA ARG B 183 -3.97 13.02 -4.34
C ARG B 183 -3.39 11.79 -5.03
N VAL B 184 -3.79 11.62 -6.30
CA VAL B 184 -3.40 10.46 -7.05
C VAL B 184 -1.87 10.41 -7.16
N VAL B 185 -1.24 11.59 -7.12
CA VAL B 185 0.21 11.72 -7.27
C VAL B 185 0.85 11.53 -5.89
N SER B 186 0.19 12.08 -4.85
CA SER B 186 0.61 12.00 -3.47
C SER B 186 0.80 10.56 -3.04
N GLY B 187 -0.08 9.68 -3.55
CA GLY B 187 -0.15 8.29 -3.15
C GLY B 187 1.06 7.48 -3.63
N PHE B 188 1.69 7.94 -4.69
CA PHE B 188 2.86 7.27 -5.21
C PHE B 188 4.12 7.94 -4.66
N VAL B 189 4.19 9.26 -4.72
CA VAL B 189 5.46 9.91 -4.44
C VAL B 189 5.67 10.03 -2.92
N PHE B 190 4.59 10.07 -2.10
CA PHE B 190 4.75 10.10 -0.65
C PHE B 190 4.46 8.73 -0.07
N LEU B 191 3.18 8.35 -0.08
CA LEU B 191 2.76 7.14 0.60
C LEU B 191 3.59 5.94 0.13
N ARG B 192 3.90 5.87 -1.16
CA ARG B 192 4.55 4.66 -1.67
C ARG B 192 6.01 4.90 -2.10
N LEU B 193 6.60 6.06 -1.77
CA LEU B 193 8.02 6.28 -2.08
C LEU B 193 8.73 6.90 -0.88
N ILE B 194 8.42 8.15 -0.60
CA ILE B 194 9.24 8.99 0.27
C ILE B 194 9.02 8.56 1.72
N CYS B 195 7.76 8.38 2.10
CA CYS B 195 7.42 8.05 3.47
C CYS B 195 8.01 6.70 3.85
N PRO B 196 7.91 5.66 2.99
CA PRO B 196 8.63 4.43 3.25
C PRO B 196 10.14 4.63 3.30
N ALA B 197 10.68 5.42 2.39
CA ALA B 197 12.12 5.60 2.31
C ALA B 197 12.64 6.26 3.58
N ILE B 198 11.83 7.12 4.23
CA ILE B 198 12.11 7.69 5.54
C ILE B 198 11.97 6.65 6.64
N LEU B 199 10.82 5.96 6.68
CA LEU B 199 10.57 4.89 7.61
C LEU B 199 11.70 3.86 7.54
N ASN B 200 11.95 3.31 6.36
CA ASN B 200 12.95 2.28 6.22
C ASN B 200 14.02 2.71 5.22
N PRO B 201 15.05 3.46 5.65
CA PRO B 201 16.10 3.97 4.76
C PRO B 201 16.82 2.97 3.87
N ARG B 202 16.99 1.73 4.38
CA ARG B 202 17.57 0.62 3.63
C ARG B 202 16.85 0.45 2.30
N MET B 203 15.56 0.81 2.27
CA MET B 203 14.74 0.85 1.07
C MET B 203 15.59 1.20 -0.14
N PHE B 204 16.18 2.41 -0.15
CA PHE B 204 16.92 2.89 -1.30
C PHE B 204 18.40 3.04 -0.98
N ASN B 205 18.82 2.39 0.13
CA ASN B 205 20.22 2.26 0.55
C ASN B 205 20.81 3.63 0.89
N ILE B 206 20.07 4.38 1.73
CA ILE B 206 20.56 5.66 2.23
C ILE B 206 21.54 5.38 3.38
N ILE B 207 21.11 4.50 4.28
CA ILE B 207 21.92 4.03 5.40
C ILE B 207 21.49 2.60 5.66
N SER B 208 22.44 1.77 6.13
CA SER B 208 22.22 0.35 6.37
C SER B 208 22.28 0.02 7.87
N ASP B 209 22.32 1.06 8.72
CA ASP B 209 22.33 0.89 10.17
C ASP B 209 20.89 0.86 10.69
N SER B 210 20.61 -0.07 11.60
CA SER B 210 19.38 -0.02 12.37
C SER B 210 19.38 1.24 13.23
N PRO B 211 18.32 2.09 13.19
CA PRO B 211 18.28 3.31 13.99
C PRO B 211 18.36 2.99 15.48
N SER B 212 18.94 3.90 16.27
CA SER B 212 18.67 3.89 17.70
C SER B 212 17.15 3.83 17.89
N PRO B 213 16.67 3.46 19.09
CA PRO B 213 15.24 3.57 19.39
C PRO B 213 14.58 4.91 19.07
N ILE B 214 15.31 6.03 19.30
CA ILE B 214 14.76 7.36 19.14
C ILE B 214 14.72 7.72 17.65
N ALA B 215 15.84 7.53 16.95
CA ALA B 215 15.90 7.67 15.50
C ALA B 215 14.78 6.87 14.84
N ALA B 216 14.64 5.61 15.25
CA ALA B 216 13.55 4.75 14.80
C ALA B 216 12.21 5.48 14.89
N ARG B 217 11.97 6.09 16.06
CA ARG B 217 10.70 6.72 16.40
C ARG B 217 10.58 8.10 15.74
N THR B 218 11.72 8.71 15.45
CA THR B 218 11.73 10.02 14.83
C THR B 218 11.29 9.87 13.39
N LEU B 219 11.91 8.92 12.68
CA LEU B 219 11.56 8.66 11.29
C LEU B 219 10.06 8.43 11.16
N ILE B 220 9.42 7.79 12.14
CA ILE B 220 7.98 7.53 12.13
C ILE B 220 7.17 8.83 12.29
N LEU B 221 7.45 9.61 13.36
CA LEU B 221 6.83 10.91 13.57
C LEU B 221 6.96 11.79 12.31
N VAL B 222 8.18 11.85 11.76
CA VAL B 222 8.47 12.60 10.56
C VAL B 222 7.54 12.14 9.44
N ALA B 223 7.55 10.84 9.11
CA ALA B 223 6.79 10.32 7.99
C ALA B 223 5.30 10.57 8.19
N LYS B 224 4.85 10.61 9.46
CA LYS B 224 3.46 10.85 9.80
C LYS B 224 3.12 12.30 9.45
N SER B 225 4.05 13.18 9.79
CA SER B 225 3.97 14.59 9.50
C SER B 225 3.93 14.84 7.99
N VAL B 226 4.88 14.20 7.28
CA VAL B 226 4.99 14.37 5.84
C VAL B 226 3.79 13.74 5.13
N GLN B 227 3.26 12.62 5.62
CA GLN B 227 2.12 12.00 4.94
C GLN B 227 0.88 12.87 5.20
N ASN B 228 0.77 13.45 6.40
CA ASN B 228 -0.33 14.36 6.67
C ASN B 228 -0.24 15.57 5.78
N LEU B 229 0.95 16.17 5.67
CA LEU B 229 1.11 17.33 4.79
C LEU B 229 0.83 16.90 3.36
N ALA B 230 1.34 15.73 2.95
CA ALA B 230 1.10 15.21 1.62
C ALA B 230 -0.39 15.11 1.34
N ASN B 231 -1.18 14.72 2.35
CA ASN B 231 -2.62 14.53 2.20
C ASN B 231 -3.36 15.86 2.37
N LEU B 232 -2.71 16.83 3.01
CA LEU B 232 -3.28 18.14 3.32
C LEU B 232 -4.17 18.05 4.56
N VAL B 233 -3.76 17.23 5.53
CA VAL B 233 -4.60 16.93 6.69
C VAL B 233 -3.92 17.55 7.90
N GLU B 234 -4.67 18.38 8.64
CA GLU B 234 -4.21 18.88 9.92
C GLU B 234 -4.57 17.90 11.03
N PHE B 235 -3.64 17.71 11.96
CA PHE B 235 -3.83 16.86 13.11
C PHE B 235 -4.90 17.44 14.04
N GLY B 236 -5.45 16.59 14.92
CA GLY B 236 -6.36 17.00 15.98
C GLY B 236 -7.61 16.13 16.10
N ALA B 237 -8.13 15.67 14.94
CA ALA B 237 -9.36 14.89 14.92
C ALA B 237 -9.08 13.39 14.84
N LYS B 238 -7.80 13.01 15.00
CA LYS B 238 -7.36 11.62 14.87
C LYS B 238 -6.53 11.30 16.12
N GLU B 239 -5.24 11.05 15.99
CA GLU B 239 -4.39 11.15 17.16
C GLU B 239 -4.55 12.56 17.72
N PRO B 240 -4.78 12.70 19.05
CA PRO B 240 -4.93 14.03 19.66
C PRO B 240 -3.63 14.82 19.72
N TYR B 241 -2.52 14.13 20.02
CA TYR B 241 -1.32 14.70 20.61
C TYR B 241 -0.34 15.26 19.57
N MET B 242 -0.81 15.48 18.35
CA MET B 242 0.08 15.92 17.27
C MET B 242 -0.34 17.34 16.85
N GLU B 243 -1.11 18.01 17.70
CA GLU B 243 -1.59 19.36 17.41
C GLU B 243 -0.42 20.29 17.06
N GLY B 244 0.73 20.08 17.70
CA GLY B 244 1.83 21.03 17.64
C GLY B 244 2.56 21.04 16.30
N VAL B 245 2.10 20.21 15.35
CA VAL B 245 2.76 20.15 14.05
C VAL B 245 1.92 20.86 12.97
N ASN B 246 0.67 21.21 13.30
CA ASN B 246 -0.26 21.85 12.36
C ASN B 246 0.28 23.14 11.77
N PRO B 247 1.08 23.96 12.50
CA PRO B 247 1.63 25.16 11.87
C PRO B 247 2.53 24.78 10.68
N PHE B 248 3.38 23.74 10.87
CA PHE B 248 4.17 23.18 9.78
C PHE B 248 3.28 22.76 8.61
N ILE B 249 2.17 22.09 8.90
CA ILE B 249 1.21 21.68 7.88
C ILE B 249 0.58 22.92 7.22
N LYS B 250 0.12 23.87 8.03
CA LYS B 250 -0.63 24.99 7.51
C LYS B 250 0.26 25.89 6.66
N SER B 251 1.55 25.97 6.97
CA SER B 251 2.41 26.88 6.24
C SER B 251 3.03 26.23 5.00
N ASN B 252 2.77 24.94 4.77
CA ASN B 252 3.41 24.27 3.65
C ASN B 252 2.40 23.74 2.64
N LYS B 253 1.09 23.79 2.98
CA LYS B 253 0.06 23.26 2.11
C LYS B 253 0.22 23.77 0.67
N HIS B 254 0.31 25.10 0.49
CA HIS B 254 0.31 25.64 -0.87
C HIS B 254 1.51 25.11 -1.67
N ARG B 255 2.62 24.85 -0.95
CA ARG B 255 3.85 24.41 -1.59
C ARG B 255 3.69 22.94 -1.96
N MET B 256 3.02 22.16 -1.08
CA MET B 256 2.67 20.77 -1.35
C MET B 256 1.73 20.70 -2.56
N ILE B 257 0.76 21.62 -2.68
CA ILE B 257 -0.10 21.55 -3.85
C ILE B 257 0.72 21.79 -5.12
N MET B 258 1.46 22.90 -5.14
CA MET B 258 2.31 23.26 -6.27
C MET B 258 3.17 22.05 -6.65
N PHE B 259 3.89 21.53 -5.68
CA PHE B 259 4.76 20.40 -5.89
C PHE B 259 4.04 19.21 -6.55
N LEU B 260 2.80 18.93 -6.13
CA LEU B 260 2.03 17.79 -6.62
C LEU B 260 1.40 18.03 -8.00
N ASP B 261 1.02 19.28 -8.33
CA ASP B 261 0.54 19.62 -9.68
C ASP B 261 1.72 19.65 -10.63
N GLU B 262 2.82 20.27 -10.20
CA GLU B 262 3.91 20.54 -11.11
C GLU B 262 4.49 19.21 -11.57
N LEU B 263 4.71 18.35 -10.57
CA LEU B 263 5.40 17.09 -10.74
C LEU B 263 4.87 16.30 -11.93
N GLY B 264 3.58 16.40 -12.22
CA GLY B 264 3.02 15.65 -13.32
C GLY B 264 3.04 16.40 -14.66
N ASN B 265 3.27 17.71 -14.63
CA ASN B 265 3.16 18.49 -15.85
C ASN B 265 4.37 18.26 -16.76
N VAL B 266 4.30 17.17 -17.53
CA VAL B 266 5.14 16.86 -18.67
C VAL B 266 4.27 16.11 -19.67
N PRO B 267 3.68 16.75 -20.72
CA PRO B 267 2.86 16.01 -21.69
C PRO B 267 3.57 15.50 -22.95
N GLU B 268 4.83 15.92 -23.14
CA GLU B 268 5.72 15.34 -24.14
C GLU B 268 6.39 14.13 -23.53
N LEU B 269 6.10 12.96 -24.06
CA LEU B 269 6.87 11.78 -23.73
C LEU B 269 8.33 12.06 -24.06
N PRO B 270 9.26 11.93 -23.08
CA PRO B 270 10.68 12.06 -23.37
C PRO B 270 11.15 11.02 -24.40
N THR B 278 20.08 -6.05 -26.66
CA THR B 278 20.18 -7.28 -25.81
C THR B 278 19.00 -8.23 -26.05
N ASP B 279 19.21 -9.51 -25.67
CA ASP B 279 18.27 -10.60 -25.95
C ASP B 279 17.19 -10.67 -24.87
N LEU B 280 15.94 -10.84 -25.34
CA LEU B 280 14.76 -10.72 -24.52
C LEU B 280 14.02 -12.06 -24.51
N SER B 281 14.70 -13.12 -24.97
CA SER B 281 14.04 -14.40 -25.09
C SER B 281 13.92 -15.01 -23.69
N ARG B 282 14.89 -14.67 -22.82
CA ARG B 282 14.87 -15.09 -21.43
C ARG B 282 13.60 -14.58 -20.76
N ASP B 283 13.32 -13.28 -20.95
CA ASP B 283 12.19 -12.61 -20.30
C ASP B 283 10.88 -13.11 -20.92
N LEU B 284 10.84 -13.23 -22.25
CA LEU B 284 9.65 -13.66 -22.98
C LEU B 284 9.35 -15.13 -22.68
N ALA B 285 10.41 -15.97 -22.68
CA ALA B 285 10.27 -17.35 -22.28
C ALA B 285 9.56 -17.41 -20.91
N ALA B 286 10.01 -16.59 -19.95
CA ALA B 286 9.53 -16.70 -18.58
C ALA B 286 8.09 -16.21 -18.50
N LEU B 287 7.74 -15.25 -19.35
CA LEU B 287 6.38 -14.74 -19.33
C LEU B 287 5.42 -15.80 -19.85
N HIS B 288 5.84 -16.48 -20.92
CA HIS B 288 5.12 -17.61 -21.48
C HIS B 288 4.93 -18.70 -20.42
N GLU B 289 6.00 -18.99 -19.67
CA GLU B 289 5.94 -20.01 -18.64
C GLU B 289 4.78 -19.71 -17.68
N ILE B 290 4.60 -18.42 -17.35
CA ILE B 290 3.55 -17.96 -16.47
C ILE B 290 2.19 -18.10 -17.15
N CYS B 291 2.14 -17.99 -18.48
CA CYS B 291 0.88 -18.07 -19.21
C CYS B 291 0.43 -19.51 -19.22
N VAL B 292 1.39 -20.39 -19.52
CA VAL B 292 1.18 -21.83 -19.49
C VAL B 292 0.61 -22.21 -18.13
N ALA B 293 1.30 -21.74 -17.09
CA ALA B 293 0.95 -22.06 -15.72
C ALA B 293 -0.50 -21.64 -15.48
N HIS B 294 -0.84 -20.39 -15.78
CA HIS B 294 -2.21 -19.96 -15.55
C HIS B 294 -3.06 -20.22 -16.78
N SER B 295 -2.71 -21.27 -17.53
CA SER B 295 -3.40 -21.60 -18.77
C SER B 295 -4.93 -21.66 -18.60
N ASP B 296 -5.37 -22.31 -17.50
CA ASP B 296 -6.78 -22.64 -17.32
C ASP B 296 -7.57 -21.38 -16.97
N GLU B 297 -7.01 -20.59 -16.06
CA GLU B 297 -7.64 -19.34 -15.67
C GLU B 297 -7.71 -18.40 -16.89
N LEU B 298 -6.81 -18.58 -17.87
CA LEU B 298 -6.76 -17.75 -19.06
C LEU B 298 -7.87 -18.13 -20.04
N ARG B 299 -8.25 -19.42 -20.09
CA ARG B 299 -9.35 -19.86 -20.93
C ARG B 299 -10.62 -19.10 -20.54
N THR B 300 -10.89 -19.11 -19.23
CA THR B 300 -12.16 -18.68 -18.69
C THR B 300 -12.32 -17.18 -18.87
N LEU B 301 -11.20 -16.45 -18.98
CA LEU B 301 -11.25 -15.03 -19.25
C LEU B 301 -11.56 -14.79 -20.74
N SER B 302 -11.23 -15.77 -21.60
CA SER B 302 -11.51 -15.59 -23.02
C SER B 302 -12.84 -16.25 -23.37
N ASN B 303 -13.61 -16.62 -22.33
CA ASN B 303 -14.99 -17.06 -22.45
C ASN B 303 -15.96 -15.88 -22.29
N GLU B 304 -15.42 -14.72 -21.88
CA GLU B 304 -16.21 -13.50 -21.76
C GLU B 304 -16.08 -12.69 -23.04
N ARG B 305 -17.08 -11.83 -23.28
CA ARG B 305 -17.22 -11.12 -24.54
C ARG B 305 -16.38 -9.84 -24.44
N GLY B 306 -16.78 -8.76 -25.13
CA GLY B 306 -15.98 -7.54 -25.15
C GLY B 306 -14.74 -7.70 -26.03
N ALA B 307 -14.02 -6.59 -26.26
CA ALA B 307 -13.06 -6.50 -27.36
C ALA B 307 -11.76 -7.25 -27.07
N GLN B 308 -11.53 -7.67 -25.82
CA GLN B 308 -10.36 -8.48 -25.50
C GLN B 308 -10.51 -9.92 -25.97
N GLN B 309 -11.72 -10.48 -25.91
CA GLN B 309 -11.93 -11.89 -26.19
C GLN B 309 -11.12 -12.33 -27.42
N HIS B 310 -11.22 -11.54 -28.50
CA HIS B 310 -10.50 -11.78 -29.74
C HIS B 310 -9.05 -12.11 -29.44
N VAL B 311 -8.45 -11.25 -28.62
CA VAL B 311 -7.01 -11.21 -28.44
C VAL B 311 -6.57 -12.33 -27.50
N LEU B 312 -7.35 -12.58 -26.43
CA LEU B 312 -7.06 -13.60 -25.43
C LEU B 312 -7.12 -15.01 -26.03
N LYS B 313 -7.89 -15.18 -27.13
CA LYS B 313 -7.99 -16.44 -27.83
C LYS B 313 -6.76 -16.61 -28.72
N LYS B 314 -6.31 -15.53 -29.38
CA LYS B 314 -5.05 -15.57 -30.10
C LYS B 314 -3.92 -15.94 -29.13
N LEU B 315 -4.05 -15.47 -27.88
CA LEU B 315 -3.06 -15.73 -26.84
C LEU B 315 -2.91 -17.23 -26.62
N LEU B 316 -4.04 -17.85 -26.23
CA LEU B 316 -4.07 -19.27 -25.92
C LEU B 316 -3.46 -20.10 -27.04
N ALA B 317 -3.83 -19.81 -28.30
CA ALA B 317 -3.17 -20.38 -29.47
C ALA B 317 -1.66 -20.38 -29.30
N ILE B 318 -1.09 -19.16 -29.14
CA ILE B 318 0.36 -18.99 -29.18
C ILE B 318 1.00 -19.68 -27.98
N THR B 319 0.31 -19.62 -26.83
CA THR B 319 0.78 -20.23 -25.59
C THR B 319 0.93 -21.73 -25.81
N GLU B 320 -0.12 -22.39 -26.33
CA GLU B 320 -0.08 -23.80 -26.70
C GLU B 320 1.03 -24.08 -27.71
N LEU B 321 1.02 -23.27 -28.76
CA LEU B 321 1.90 -23.40 -29.90
C LEU B 321 3.37 -23.32 -29.47
N LEU B 322 3.65 -22.45 -28.52
CA LEU B 322 5.03 -22.19 -28.12
C LEU B 322 5.52 -23.33 -27.26
N GLN B 323 4.61 -23.83 -26.42
CA GLN B 323 4.90 -24.93 -25.52
C GLN B 323 5.25 -26.17 -26.35
N GLN B 324 4.55 -26.32 -27.49
CA GLN B 324 4.85 -27.39 -28.44
C GLN B 324 6.25 -27.24 -28.99
N LYS B 325 6.58 -26.03 -29.47
CA LYS B 325 7.89 -25.77 -30.08
C LYS B 325 9.01 -26.04 -29.09
N GLN B 326 8.73 -25.84 -27.79
CA GLN B 326 9.73 -25.97 -26.73
C GLN B 326 9.96 -27.44 -26.44
N ASN B 327 8.92 -28.26 -26.60
CA ASN B 327 9.05 -29.71 -26.49
C ASN B 327 10.00 -30.25 -27.56
N GLN B 328 9.79 -29.86 -28.83
CA GLN B 328 10.70 -30.19 -29.92
C GLN B 328 12.13 -29.70 -29.67
N TYR B 329 12.26 -28.57 -28.98
CA TYR B 329 13.58 -28.11 -28.59
C TYR B 329 14.13 -29.08 -27.53
N THR B 330 13.27 -29.44 -26.54
CA THR B 330 13.58 -30.38 -25.47
C THR B 330 14.36 -31.58 -26.01
N LYS B 331 15.64 -31.63 -25.64
CA LYS B 331 16.56 -32.62 -26.17
C LYS B 331 16.44 -32.72 -27.70
#